data_4XXF
#
_entry.id   4XXF
#
_cell.length_a   84.330
_cell.length_b   84.330
_cell.length_c   78.500
_cell.angle_alpha   90.00
_cell.angle_beta   90.00
_cell.angle_gamma   90.00
#
_symmetry.space_group_name_H-M   'P 4 21 2'
#
loop_
_entity.id
_entity.type
_entity.pdbx_description
1 polymer 'Fuculose-1-phosphate aldolase'
2 non-polymer 'ZINC ION'
3 water water
#
_entity_poly.entity_id   1
_entity_poly.type   'polypeptide(L)'
_entity_poly.pdbx_seq_one_letter_code
;GGLAALTKPPTFATVEAERAWLKERLVAAIRIFANEGFDHTVAGHLTVRDPENKHHFWVNPFGLAFRLMTVSDLILVNQE
GTVIGGGKEGRRIVNLAGFMIHSAIHKARPEVQAICHSHSTYGKAFSSLGKPLAITTQDSCAFYGDVALLGDFGGVVIEE
KESGTIAVALQQKKAIILQNHGLLTVGTTIDSAVAWFIMLEKQCQVQLLADAAGQTIPIDEPQAAFTFKELGHEQAGYFQ
ASPYFQVIEHLQGEEYRK
;
_entity_poly.pdbx_strand_id   A
#
# COMPACT_ATOMS: atom_id res chain seq x y z
N GLY A 1 -20.10 16.93 -10.46
CA GLY A 1 -19.29 17.39 -9.35
C GLY A 1 -18.43 18.60 -9.70
N GLY A 2 -17.50 18.94 -8.81
CA GLY A 2 -17.34 18.29 -7.53
C GLY A 2 -16.16 17.33 -7.43
N LEU A 3 -15.02 17.73 -7.96
CA LEU A 3 -13.84 16.87 -7.96
C LEU A 3 -13.23 16.70 -6.56
N ALA A 4 -13.24 17.77 -5.77
CA ALA A 4 -12.63 17.75 -4.44
C ALA A 4 -13.18 16.63 -3.56
N ALA A 5 -14.49 16.43 -3.57
CA ALA A 5 -15.14 15.38 -2.77
C ALA A 5 -14.69 13.99 -3.17
N LEU A 6 -14.23 13.85 -4.41
CA LEU A 6 -13.81 12.55 -4.93
C LEU A 6 -12.36 12.24 -4.60
N THR A 7 -11.64 13.19 -4.02
CA THR A 7 -10.22 13.02 -3.76
C THR A 7 -9.94 12.83 -2.27
N LYS A 8 -11.01 12.73 -1.50
CA LYS A 8 -10.91 12.56 -0.05
C LYS A 8 -11.90 11.51 0.42
N PRO A 9 -11.62 10.86 1.56
CA PRO A 9 -12.57 9.90 2.12
C PRO A 9 -13.88 10.58 2.50
N PRO A 10 -14.96 9.80 2.63
CA PRO A 10 -16.21 10.40 3.14
C PRO A 10 -16.08 10.88 4.59
N THR A 11 -16.97 11.77 5.02
CA THR A 11 -16.98 12.22 6.41
C THR A 11 -17.49 11.07 7.28
N PHE A 12 -16.96 10.95 8.49
CA PHE A 12 -17.40 9.89 9.41
C PHE A 12 -18.09 10.47 10.63
N ALA A 13 -19.30 9.98 10.89
CA ALA A 13 -20.12 10.52 11.98
C ALA A 13 -19.56 10.14 13.35
N THR A 14 -19.11 8.90 13.49
CA THR A 14 -18.57 8.39 14.74
C THR A 14 -17.29 7.61 14.47
N VAL A 15 -16.50 7.39 15.51
CA VAL A 15 -15.28 6.59 15.40
C VAL A 15 -15.62 5.15 14.98
N GLU A 16 -16.74 4.62 15.49
CA GLU A 16 -17.20 3.30 15.10
C GLU A 16 -17.52 3.24 13.60
N ALA A 17 -18.15 4.28 13.07
CA ALA A 17 -18.44 4.34 11.64
C ALA A 17 -17.15 4.39 10.81
N GLU A 18 -16.19 5.19 11.28
CA GLU A 18 -14.91 5.27 10.60
C GLU A 18 -14.21 3.91 10.60
N ARG A 19 -14.20 3.23 11.74
CA ARG A 19 -13.54 1.93 11.83
C ARG A 19 -14.19 0.95 10.86
N ALA A 20 -15.51 0.96 10.77
CA ALA A 20 -16.20 0.05 9.86
C ALA A 20 -15.82 0.34 8.41
N TRP A 21 -15.73 1.62 8.05
CA TRP A 21 -15.33 2.01 6.70
CA TRP A 21 -15.36 1.97 6.70
C TRP A 21 -13.91 1.56 6.39
N LEU A 22 -13.00 1.82 7.32
CA LEU A 22 -11.60 1.49 7.12
C LEU A 22 -11.36 -0.01 7.01
N LYS A 23 -12.04 -0.81 7.81
CA LYS A 23 -11.88 -2.26 7.72
C LYS A 23 -12.36 -2.76 6.36
N GLU A 24 -13.52 -2.28 5.90
CA GLU A 24 -13.99 -2.69 4.59
C GLU A 24 -13.02 -2.23 3.49
N ARG A 25 -12.45 -1.02 3.66
CA ARG A 25 -11.57 -0.46 2.64
C ARG A 25 -10.27 -1.27 2.59
N LEU A 26 -9.77 -1.71 3.75
CA LEU A 26 -8.57 -2.54 3.81
C LEU A 26 -8.82 -3.88 3.13
N VAL A 27 -9.98 -4.48 3.38
CA VAL A 27 -10.33 -5.72 2.71
C VAL A 27 -10.42 -5.50 1.18
N ALA A 28 -11.04 -4.41 0.75
CA ALA A 28 -11.11 -4.11 -0.67
C ALA A 28 -9.71 -3.99 -1.26
N ALA A 29 -8.80 -3.36 -0.52
CA ALA A 29 -7.42 -3.19 -0.97
C ALA A 29 -6.72 -4.55 -1.13
N ILE A 30 -6.90 -5.41 -0.15
CA ILE A 30 -6.32 -6.76 -0.19
C ILE A 30 -6.91 -7.54 -1.37
N ARG A 31 -8.22 -7.40 -1.58
CA ARG A 31 -8.86 -8.05 -2.74
C ARG A 31 -8.34 -7.49 -4.08
N ILE A 32 -8.04 -6.20 -4.13
CA ILE A 32 -7.43 -5.62 -5.33
C ILE A 32 -6.06 -6.26 -5.58
N PHE A 33 -5.26 -6.39 -4.53
CA PHE A 33 -3.94 -7.03 -4.68
C PHE A 33 -4.07 -8.43 -5.24
N ALA A 34 -5.05 -9.21 -4.77
CA ALA A 34 -5.27 -10.53 -5.34
C ALA A 34 -5.73 -10.44 -6.79
N ASN A 35 -6.62 -9.51 -7.09
CA ASN A 35 -7.16 -9.39 -8.44
C ASN A 35 -6.11 -8.96 -9.46
N GLU A 36 -5.15 -8.16 -9.01
CA GLU A 36 -4.02 -7.72 -9.83
C GLU A 36 -2.91 -8.78 -9.91
N GLY A 37 -3.00 -9.82 -9.09
CA GLY A 37 -1.97 -10.84 -9.03
C GLY A 37 -0.70 -10.39 -8.31
N PHE A 38 -0.82 -9.44 -7.40
CA PHE A 38 0.34 -8.90 -6.69
C PHE A 38 0.82 -9.79 -5.57
N ASP A 39 0.01 -10.80 -5.20
CA ASP A 39 0.37 -11.65 -4.08
C ASP A 39 1.18 -12.86 -4.53
N HIS A 40 1.95 -13.41 -3.60
CA HIS A 40 2.72 -14.62 -3.82
C HIS A 40 2.80 -15.32 -2.48
N THR A 41 2.56 -16.63 -2.49
CA THR A 41 2.51 -17.48 -1.28
C THR A 41 1.78 -16.74 -0.14
N VAL A 42 2.38 -16.70 1.05
CA VAL A 42 1.74 -16.06 2.21
C VAL A 42 2.43 -14.77 2.58
N ALA A 43 3.29 -14.28 1.69
CA ALA A 43 4.00 -13.05 1.90
C ALA A 43 3.02 -11.89 1.76
N GLY A 44 3.36 -10.77 2.37
CA GLY A 44 2.55 -9.59 2.15
C GLY A 44 1.66 -9.24 3.32
N HIS A 45 1.59 -7.94 3.52
CA HIS A 45 0.93 -7.31 4.65
CA HIS A 45 0.78 -7.40 4.58
C HIS A 45 0.30 -6.03 4.18
N LEU A 46 -0.94 -5.76 4.55
CA LEU A 46 -1.51 -4.44 4.40
C LEU A 46 -2.07 -4.05 5.75
N THR A 47 -1.69 -2.88 6.23
CA THR A 47 -2.14 -2.43 7.54
C THR A 47 -2.84 -1.09 7.48
N VAL A 48 -3.78 -0.88 8.40
CA VAL A 48 -4.34 0.46 8.61
CA VAL A 48 -4.40 0.42 8.63
C VAL A 48 -4.40 0.74 10.10
N ARG A 49 -4.01 1.95 10.45
CA ARG A 49 -4.05 2.40 11.84
C ARG A 49 -5.48 2.50 12.31
N ASP A 50 -5.77 1.98 13.50
CA ASP A 50 -7.10 2.13 14.08
C ASP A 50 -7.40 3.60 14.34
N PRO A 51 -8.65 4.04 14.08
CA PRO A 51 -8.95 5.47 14.22
C PRO A 51 -9.13 5.93 15.66
N GLU A 52 -9.21 5.00 16.61
CA GLU A 52 -9.39 5.40 18.00
C GLU A 52 -8.07 5.35 18.77
N ASN A 53 -7.31 4.28 18.55
CA ASN A 53 -6.01 4.11 19.22
C ASN A 53 -4.92 4.05 18.16
N LYS A 54 -4.05 5.04 18.16
CA LYS A 54 -3.01 5.19 17.13
C LYS A 54 -1.94 4.11 17.21
N HIS A 55 -1.93 3.33 18.29
CA HIS A 55 -0.94 2.28 18.46
C HIS A 55 -1.52 0.90 18.16
N HIS A 56 -2.72 0.88 17.58
CA HIS A 56 -3.36 -0.36 17.19
C HIS A 56 -3.56 -0.36 15.68
N PHE A 57 -3.50 -1.55 15.09
CA PHE A 57 -3.53 -1.69 13.63
C PHE A 57 -4.36 -2.87 13.20
N TRP A 58 -5.14 -2.68 12.14
CA TRP A 58 -5.84 -3.79 11.49
C TRP A 58 -4.95 -4.34 10.38
N VAL A 59 -4.94 -5.67 10.25
CA VAL A 59 -4.04 -6.32 9.30
C VAL A 59 -4.66 -7.64 8.86
N ASN A 60 -4.25 -8.10 7.68
CA ASN A 60 -4.63 -9.44 7.24
C ASN A 60 -4.00 -10.52 8.11
N PRO A 61 -4.76 -11.60 8.39
CA PRO A 61 -4.24 -12.68 9.22
C PRO A 61 -3.32 -13.60 8.42
N PHE A 62 -2.28 -14.10 9.06
CA PHE A 62 -1.24 -14.86 8.39
C PHE A 62 -1.77 -16.11 7.71
N GLY A 63 -1.49 -16.25 6.41
CA GLY A 63 -1.82 -17.48 5.70
C GLY A 63 -3.14 -17.50 4.94
N LEU A 64 -4.00 -16.51 5.16
CA LEU A 64 -5.27 -16.47 4.44
C LEU A 64 -5.09 -15.83 3.06
N ALA A 65 -5.59 -16.50 2.03
CA ALA A 65 -5.48 -15.99 0.67
C ALA A 65 -6.09 -14.60 0.57
N PHE A 66 -5.36 -13.68 -0.08
CA PHE A 66 -5.90 -12.34 -0.31
C PHE A 66 -7.23 -12.40 -1.07
N ARG A 67 -7.35 -13.34 -2.01
CA ARG A 67 -8.54 -13.53 -2.82
C ARG A 67 -9.79 -13.84 -2.01
N LEU A 68 -9.61 -14.35 -0.79
CA LEU A 68 -10.73 -14.75 0.05
C LEU A 68 -10.92 -13.84 1.27
N MET A 69 -10.16 -12.74 1.34
CA MET A 69 -10.22 -11.85 2.50
C MET A 69 -11.63 -11.32 2.72
N THR A 70 -12.09 -11.32 3.97
CA THR A 70 -13.35 -10.68 4.34
C THR A 70 -13.12 -9.82 5.57
N VAL A 71 -14.07 -8.92 5.81
CA VAL A 71 -13.98 -8.02 6.96
C VAL A 71 -13.83 -8.81 8.28
N SER A 72 -14.53 -9.94 8.40
CA SER A 72 -14.49 -10.76 9.61
CA SER A 72 -14.49 -10.74 9.62
C SER A 72 -13.14 -11.42 9.86
N ASP A 73 -12.30 -11.49 8.83
CA ASP A 73 -10.98 -12.11 8.98
C ASP A 73 -9.92 -11.20 9.57
N LEU A 74 -10.10 -9.88 9.41
CA LEU A 74 -9.07 -8.94 9.84
C LEU A 74 -8.83 -9.03 11.33
N ILE A 75 -7.56 -8.90 11.73
CA ILE A 75 -7.19 -8.94 13.14
C ILE A 75 -6.64 -7.59 13.58
N LEU A 76 -6.76 -7.33 14.87
CA LEU A 76 -6.26 -6.12 15.49
C LEU A 76 -5.00 -6.44 16.26
N VAL A 77 -3.94 -5.66 16.03
CA VAL A 77 -2.62 -5.92 16.57
CA VAL A 77 -2.67 -5.92 16.68
C VAL A 77 -2.11 -4.64 17.25
N ASN A 78 -1.45 -4.75 18.40
CA ASN A 78 -0.89 -3.55 19.00
C ASN A 78 0.51 -3.29 18.44
N GLN A 79 1.13 -2.20 18.87
CA GLN A 79 2.39 -1.75 18.28
C GLN A 79 3.47 -2.81 18.38
N GLU A 80 3.44 -3.61 19.44
CA GLU A 80 4.49 -4.60 19.68
C GLU A 80 4.16 -5.98 19.11
N GLY A 81 3.05 -6.11 18.39
CA GLY A 81 2.76 -7.33 17.67
C GLY A 81 1.78 -8.30 18.32
N THR A 82 1.28 -7.97 19.51
CA THR A 82 0.30 -8.82 20.17
C THR A 82 -1.05 -8.73 19.46
N VAL A 83 -1.61 -9.88 19.10
CA VAL A 83 -2.96 -9.92 18.52
C VAL A 83 -3.96 -9.71 19.64
N ILE A 84 -4.74 -8.63 19.55
CA ILE A 84 -5.60 -8.24 20.66
C ILE A 84 -7.08 -8.19 20.31
N GLY A 85 -7.42 -8.49 19.06
CA GLY A 85 -8.83 -8.51 18.69
C GLY A 85 -9.08 -8.99 17.28
N GLY A 86 -10.36 -9.21 16.97
CA GLY A 86 -10.76 -9.55 15.62
C GLY A 86 -10.46 -10.98 15.20
N GLY A 87 -10.62 -11.23 13.91
CA GLY A 87 -10.29 -12.52 13.34
C GLY A 87 -11.26 -13.64 13.60
N LYS A 88 -10.92 -14.80 13.06
CA LYS A 88 -11.67 -16.02 13.26
C LYS A 88 -10.85 -17.02 14.06
N GLU A 89 -11.55 -17.82 14.86
CA GLU A 89 -10.97 -18.95 15.57
C GLU A 89 -10.07 -19.77 14.64
N GLY A 90 -8.82 -19.97 15.05
CA GLY A 90 -7.91 -20.78 14.26
C GLY A 90 -6.93 -19.98 13.42
N ARG A 91 -7.20 -18.69 13.23
CA ARG A 91 -6.26 -17.84 12.48
C ARG A 91 -6.20 -16.43 13.05
N ARG A 92 -6.09 -16.36 14.36
CA ARG A 92 -5.81 -15.09 15.02
C ARG A 92 -4.32 -14.97 15.20
N ILE A 93 -3.65 -14.88 14.06
CA ILE A 93 -2.20 -14.92 13.95
CA ILE A 93 -2.19 -14.87 14.00
C ILE A 93 -1.69 -13.84 12.99
N VAL A 94 -0.58 -13.20 13.34
CA VAL A 94 0.03 -12.21 12.48
C VAL A 94 1.42 -12.70 12.08
N ASN A 95 1.83 -12.40 10.84
CA ASN A 95 3.22 -12.58 10.44
C ASN A 95 4.04 -11.49 11.16
N LEU A 96 4.79 -11.87 12.19
CA LEU A 96 5.37 -10.87 13.10
C LEU A 96 6.47 -10.04 12.44
N ALA A 97 7.43 -10.69 11.81
CA ALA A 97 8.56 -10.00 11.22
C ALA A 97 8.07 -8.96 10.21
N GLY A 98 7.15 -9.39 9.36
CA GLY A 98 6.54 -8.51 8.39
C GLY A 98 5.77 -7.37 9.02
N PHE A 99 5.00 -7.68 10.05
CA PHE A 99 4.22 -6.65 10.71
C PHE A 99 5.11 -5.58 11.37
N MET A 100 6.22 -6.00 11.96
CA MET A 100 7.07 -5.05 12.68
C MET A 100 7.80 -4.08 11.74
N ILE A 101 7.94 -4.45 10.47
CA ILE A 101 8.37 -3.45 9.48
C ILE A 101 7.34 -2.33 9.41
N HIS A 102 6.06 -2.70 9.31
CA HIS A 102 5.01 -1.69 9.27
C HIS A 102 4.96 -0.91 10.58
N SER A 103 5.10 -1.61 11.69
CA SER A 103 4.99 -0.97 12.98
C SER A 103 6.04 0.13 13.14
N ALA A 104 7.28 -0.16 12.72
CA ALA A 104 8.36 0.83 12.79
C ALA A 104 8.03 2.07 11.96
N ILE A 105 7.48 1.87 10.75
CA ILE A 105 7.11 3.03 9.94
C ILE A 105 5.95 3.83 10.56
N HIS A 106 4.89 3.14 10.98
CA HIS A 106 3.75 3.80 11.62
C HIS A 106 4.20 4.63 12.85
N LYS A 107 5.19 4.12 13.59
CA LYS A 107 5.68 4.81 14.78
C LYS A 107 6.45 6.06 14.40
N ALA A 108 7.26 5.95 13.35
CA ALA A 108 8.10 7.06 12.91
C ALA A 108 7.28 8.16 12.25
N ARG A 109 6.23 7.76 11.54
CA ARG A 109 5.43 8.71 10.78
C ARG A 109 3.95 8.67 11.14
N PRO A 110 3.53 9.57 12.06
CA PRO A 110 2.14 9.60 12.56
C PRO A 110 1.11 9.83 11.46
N GLU A 111 1.49 10.49 10.38
CA GLU A 111 0.56 10.78 9.30
C GLU A 111 0.32 9.56 8.41
N VAL A 112 1.18 8.56 8.51
CA VAL A 112 1.01 7.36 7.70
C VAL A 112 -0.06 6.48 8.33
N GLN A 113 -1.17 6.35 7.62
CA GLN A 113 -2.28 5.58 8.14
CA GLN A 113 -2.32 5.59 8.11
C GLN A 113 -2.30 4.17 7.57
N ALA A 114 -1.72 3.99 6.40
CA ALA A 114 -1.78 2.69 5.72
C ALA A 114 -0.46 2.36 5.06
N ILE A 115 -0.12 1.08 5.07
CA ILE A 115 1.12 0.61 4.47
C ILE A 115 0.82 -0.67 3.69
N CYS A 116 1.38 -0.77 2.49
CA CYS A 116 1.20 -1.94 1.61
C CYS A 116 2.52 -2.59 1.27
N HIS A 117 2.57 -3.90 1.41
CA HIS A 117 3.72 -4.66 0.98
C HIS A 117 3.28 -6.02 0.44
N SER A 118 3.83 -6.41 -0.70
CA SER A 118 3.55 -7.71 -1.29
C SER A 118 4.68 -8.04 -2.22
N HIS A 119 4.93 -9.32 -2.44
CA HIS A 119 6.04 -9.75 -3.28
C HIS A 119 5.58 -9.88 -4.72
N SER A 120 5.22 -8.76 -5.30
CA SER A 120 4.69 -8.70 -6.66
C SER A 120 5.80 -8.94 -7.66
N THR A 121 5.44 -9.54 -8.79
CA THR A 121 6.39 -10.07 -9.76
C THR A 121 7.37 -9.04 -10.29
N TYR A 122 6.87 -7.91 -10.77
CA TYR A 122 7.73 -6.96 -11.46
C TYR A 122 8.54 -6.14 -10.47
N GLY A 123 7.94 -5.77 -9.34
CA GLY A 123 8.69 -5.07 -8.30
C GLY A 123 9.81 -5.94 -7.78
N LYS A 124 9.53 -7.23 -7.58
CA LYS A 124 10.53 -8.16 -7.14
C LYS A 124 11.67 -8.29 -8.15
N ALA A 125 11.33 -8.51 -9.42
CA ALA A 125 12.35 -8.64 -10.46
C ALA A 125 13.17 -7.36 -10.59
N PHE A 126 12.50 -6.21 -10.59
CA PHE A 126 13.25 -4.97 -10.73
C PHE A 126 14.16 -4.74 -9.51
N SER A 127 13.65 -5.08 -8.33
CA SER A 127 14.44 -4.87 -7.11
C SER A 127 15.72 -5.71 -7.09
N SER A 128 15.78 -6.78 -7.87
CA SER A 128 16.98 -7.61 -7.89
C SER A 128 18.12 -6.94 -8.65
N LEU A 129 17.84 -5.83 -9.32
CA LEU A 129 18.87 -5.10 -10.08
C LEU A 129 19.56 -4.01 -9.26
N GLY A 130 18.99 -3.67 -8.10
CA GLY A 130 19.57 -2.65 -7.24
C GLY A 130 19.76 -1.30 -7.91
N LYS A 131 18.79 -0.92 -8.73
CA LYS A 131 18.77 0.34 -9.47
C LYS A 131 17.62 1.22 -8.99
N PRO A 132 17.81 2.55 -9.01
CA PRO A 132 16.67 3.42 -8.75
C PRO A 132 15.65 3.36 -9.87
N LEU A 133 14.41 3.67 -9.54
CA LEU A 133 13.36 3.73 -10.55
C LEU A 133 13.66 4.87 -11.52
N ALA A 134 13.73 4.57 -12.82
CA ALA A 134 13.93 5.63 -13.81
C ALA A 134 12.64 6.38 -14.06
N ILE A 135 12.71 7.70 -14.18
CA ILE A 135 11.52 8.50 -14.40
C ILE A 135 11.39 8.75 -15.91
N THR A 136 10.72 7.81 -16.57
CA THR A 136 10.68 7.73 -18.03
C THR A 136 9.28 7.79 -18.62
N THR A 137 8.25 7.87 -17.77
CA THR A 137 6.87 7.97 -18.22
C THR A 137 6.13 9.01 -17.40
N GLN A 138 5.05 9.53 -17.95
CA GLN A 138 4.23 10.48 -17.20
C GLN A 138 3.77 9.87 -15.89
N ASP A 139 3.29 8.63 -15.92
CA ASP A 139 2.85 7.95 -14.71
C ASP A 139 3.96 7.83 -13.66
N SER A 140 5.17 7.54 -14.10
CA SER A 140 6.30 7.42 -13.18
C SER A 140 6.62 8.70 -12.44
N CYS A 141 6.16 9.84 -12.95
CA CYS A 141 6.45 11.11 -12.31
C CYS A 141 5.76 11.23 -10.95
N ALA A 142 4.81 10.35 -10.65
CA ALA A 142 4.24 10.29 -9.31
C ALA A 142 5.33 9.98 -8.28
N PHE A 143 6.44 9.41 -8.74
CA PHE A 143 7.54 8.98 -7.88
C PHE A 143 8.79 9.85 -7.99
N TYR A 144 8.72 10.90 -8.79
CA TYR A 144 9.86 11.80 -8.97
C TYR A 144 10.33 12.36 -7.64
N GLY A 145 11.57 12.06 -7.30
CA GLY A 145 12.16 12.51 -6.05
C GLY A 145 11.47 11.97 -4.81
N ASP A 146 10.64 10.95 -4.96
CA ASP A 146 9.81 10.49 -3.85
C ASP A 146 9.74 8.99 -3.73
N VAL A 147 10.75 8.29 -4.25
CA VAL A 147 10.85 6.85 -4.05
C VAL A 147 12.25 6.51 -3.58
N ALA A 148 12.34 5.74 -2.51
CA ALA A 148 13.61 5.37 -1.92
C ALA A 148 14.12 4.04 -2.47
N LEU A 149 15.39 3.79 -2.24
CA LEU A 149 16.02 2.53 -2.62
C LEU A 149 16.87 2.07 -1.46
N LEU A 150 16.57 0.90 -0.93
CA LEU A 150 17.41 0.32 0.10
C LEU A 150 18.30 -0.76 -0.51
N GLY A 151 19.61 -0.62 -0.34
CA GLY A 151 20.53 -1.60 -0.88
C GLY A 151 20.72 -2.82 0.02
N ASP A 152 19.60 -3.33 0.50
CA ASP A 152 19.54 -4.45 1.41
C ASP A 152 19.85 -5.83 0.82
N GLU A 162 15.64 -5.61 8.26
CA GLU A 162 15.34 -5.15 9.61
C GLU A 162 14.46 -3.90 9.55
N SER A 163 13.50 -3.81 10.47
CA SER A 163 12.47 -2.77 10.42
C SER A 163 13.02 -1.35 10.50
N GLY A 164 13.92 -1.10 11.44
CA GLY A 164 14.49 0.22 11.62
C GLY A 164 15.23 0.72 10.38
N THR A 165 15.98 -0.16 9.74
CA THR A 165 16.73 0.20 8.55
C THR A 165 15.80 0.63 7.42
N ILE A 166 14.69 -0.08 7.26
CA ILE A 166 13.72 0.28 6.21
C ILE A 166 13.04 1.62 6.50
N ALA A 167 12.64 1.83 7.76
CA ALA A 167 12.00 3.10 8.11
C ALA A 167 12.96 4.27 7.89
N VAL A 168 14.22 4.09 8.29
CA VAL A 168 15.22 5.14 8.10
C VAL A 168 15.43 5.42 6.61
N ALA A 169 15.49 4.36 5.80
CA ALA A 169 15.72 4.54 4.37
C ALA A 169 14.53 5.23 3.69
N LEU A 170 13.32 4.92 4.13
CA LEU A 170 12.11 5.49 3.53
C LEU A 170 12.02 7.00 3.71
N GLN A 171 12.53 7.49 4.84
CA GLN A 171 12.38 8.91 5.18
CA GLN A 171 12.37 8.89 5.25
C GLN A 171 10.91 9.33 5.04
N GLN A 172 10.67 10.45 4.38
CA GLN A 172 9.30 10.95 4.21
C GLN A 172 8.69 10.61 2.84
N LYS A 173 9.30 9.65 2.14
CA LYS A 173 8.88 9.32 0.77
C LYS A 173 7.67 8.38 0.74
N LYS A 174 7.01 8.30 -0.41
CA LYS A 174 5.77 7.52 -0.51
C LYS A 174 6.00 6.03 -0.75
N ALA A 175 7.22 5.67 -1.11
CA ALA A 175 7.49 4.29 -1.52
C ALA A 175 8.96 3.98 -1.42
N ILE A 176 9.26 2.69 -1.32
CA ILE A 176 10.64 2.23 -1.29
C ILE A 176 10.76 0.93 -2.09
N ILE A 177 11.83 0.85 -2.86
CA ILE A 177 12.24 -0.38 -3.52
C ILE A 177 13.25 -1.06 -2.63
N LEU A 178 12.89 -2.24 -2.15
CA LEU A 178 13.73 -3.02 -1.25
C LEU A 178 14.53 -4.02 -2.06
N GLN A 179 15.83 -3.81 -2.15
CA GLN A 179 16.66 -4.66 -3.02
C GLN A 179 16.49 -6.13 -2.67
N ASN A 180 16.35 -6.95 -3.71
CA ASN A 180 16.20 -8.40 -3.57
C ASN A 180 14.96 -8.80 -2.79
N HIS A 181 13.92 -7.98 -2.83
CA HIS A 181 12.78 -8.21 -1.96
C HIS A 181 11.50 -7.80 -2.68
N GLY A 182 11.35 -6.50 -2.94
CA GLY A 182 10.17 -6.03 -3.61
C GLY A 182 9.82 -4.62 -3.18
N LEU A 183 8.53 -4.33 -3.19
CA LEU A 183 8.03 -2.97 -3.01
C LEU A 183 7.29 -2.78 -1.70
N LEU A 184 7.38 -1.57 -1.15
CA LEU A 184 6.53 -1.17 -0.05
C LEU A 184 6.08 0.28 -0.27
N THR A 185 4.79 0.55 -0.02
CA THR A 185 4.27 1.91 -0.17
C THR A 185 3.53 2.32 1.09
N VAL A 186 3.41 3.64 1.28
CA VAL A 186 2.71 4.17 2.44
C VAL A 186 1.74 5.25 1.99
N GLY A 187 0.73 5.52 2.81
CA GLY A 187 -0.23 6.55 2.48
C GLY A 187 -0.89 7.16 3.69
N THR A 188 -1.39 8.38 3.51
CA THR A 188 -2.24 9.00 4.51
C THR A 188 -3.63 8.37 4.49
N THR A 189 -3.91 7.62 3.42
CA THR A 189 -5.13 6.81 3.32
C THR A 189 -4.76 5.46 2.77
N ILE A 190 -5.60 4.47 3.02
CA ILE A 190 -5.47 3.17 2.37
C ILE A 190 -5.45 3.36 0.85
N ASP A 191 -6.34 4.22 0.37
CA ASP A 191 -6.49 4.41 -1.06
C ASP A 191 -5.20 4.90 -1.71
N SER A 192 -4.57 5.92 -1.12
CA SER A 192 -3.35 6.43 -1.75
C SER A 192 -2.22 5.42 -1.68
N ALA A 193 -2.08 4.70 -0.56
CA ALA A 193 -1.06 3.65 -0.48
C ALA A 193 -1.23 2.62 -1.59
N VAL A 194 -2.49 2.25 -1.85
CA VAL A 194 -2.81 1.30 -2.91
C VAL A 194 -2.49 1.87 -4.29
N ALA A 195 -2.85 3.12 -4.54
CA ALA A 195 -2.51 3.75 -5.82
C ALA A 195 -1.00 3.72 -6.04
N TRP A 196 -0.24 4.07 -5.02
CA TRP A 196 1.21 4.10 -5.20
C TRP A 196 1.76 2.71 -5.47
N PHE A 197 1.20 1.68 -4.84
CA PHE A 197 1.68 0.32 -5.11
C PHE A 197 1.36 -0.10 -6.54
N ILE A 198 0.11 0.11 -6.97
CA ILE A 198 -0.29 -0.22 -8.34
C ILE A 198 0.60 0.49 -9.35
N MET A 199 0.84 1.79 -9.12
CA MET A 199 1.61 2.58 -10.07
C MET A 199 3.08 2.18 -10.06
N LEU A 200 3.61 1.83 -8.89
CA LEU A 200 5.03 1.47 -8.81
C LEU A 200 5.26 0.10 -9.44
N GLU A 201 4.37 -0.86 -9.17
CA GLU A 201 4.47 -2.17 -9.81
C GLU A 201 4.41 -2.04 -11.33
N LYS A 202 3.51 -1.20 -11.82
CA LYS A 202 3.40 -0.97 -13.25
C LYS A 202 4.66 -0.34 -13.82
N GLN A 203 5.23 0.66 -13.15
CA GLN A 203 6.42 1.28 -13.71
C GLN A 203 7.62 0.32 -13.65
N CYS A 204 7.69 -0.55 -12.64
CA CYS A 204 8.74 -1.56 -12.65
C CYS A 204 8.59 -2.49 -13.85
N GLN A 205 7.34 -2.88 -14.15
CA GLN A 205 7.06 -3.68 -15.33
C GLN A 205 7.51 -2.98 -16.60
N VAL A 206 7.19 -1.69 -16.70
CA VAL A 206 7.55 -0.87 -17.84
C VAL A 206 9.07 -0.77 -17.99
N GLN A 207 9.77 -0.55 -16.90
CA GLN A 207 11.22 -0.43 -16.98
C GLN A 207 11.86 -1.75 -17.41
N LEU A 208 11.38 -2.88 -16.88
CA LEU A 208 11.91 -4.19 -17.28
C LEU A 208 11.71 -4.42 -18.79
N LEU A 209 10.53 -4.05 -19.30
CA LEU A 209 10.23 -4.17 -20.74
C LEU A 209 11.15 -3.29 -21.59
N ALA A 210 11.25 -2.02 -21.21
CA ALA A 210 11.99 -1.06 -22.00
C ALA A 210 13.50 -1.31 -21.93
N ASP A 211 14.02 -1.59 -20.73
CA ASP A 211 15.46 -1.79 -20.58
C ASP A 211 15.91 -3.04 -21.33
N ALA A 212 15.06 -4.07 -21.40
CA ALA A 212 15.42 -5.26 -22.16
C ALA A 212 15.49 -4.95 -23.66
N ALA A 213 14.65 -4.02 -24.12
CA ALA A 213 14.52 -3.74 -25.54
C ALA A 213 15.49 -2.69 -26.08
N GLY A 214 15.92 -1.76 -25.23
CA GLY A 214 16.74 -0.67 -25.72
C GLY A 214 17.11 0.32 -24.64
N GLN A 215 17.43 1.53 -25.07
CA GLN A 215 17.86 2.59 -24.16
C GLN A 215 16.75 3.60 -23.92
N THR A 216 16.28 3.70 -22.68
CA THR A 216 15.25 4.69 -22.38
C THR A 216 15.79 6.12 -22.40
N ILE A 217 14.86 7.05 -22.62
CA ILE A 217 15.15 8.47 -22.53
C ILE A 217 14.43 9.01 -21.30
N PRO A 218 15.20 9.51 -20.31
CA PRO A 218 14.55 10.06 -19.12
C PRO A 218 13.73 11.31 -19.45
N ILE A 219 12.62 11.51 -18.76
CA ILE A 219 11.91 12.77 -18.84
C ILE A 219 12.82 13.87 -18.29
N ASP A 220 12.84 15.02 -18.97
CA ASP A 220 13.62 16.17 -18.49
C ASP A 220 13.13 16.55 -17.09
N GLU A 221 14.03 16.85 -16.18
CA GLU A 221 13.64 17.04 -14.78
C GLU A 221 12.59 18.15 -14.54
N PRO A 222 12.67 19.28 -15.27
CA PRO A 222 11.59 20.27 -15.04
C PRO A 222 10.20 19.71 -15.36
N GLN A 223 10.10 18.93 -16.44
CA GLN A 223 8.83 18.31 -16.81
CA GLN A 223 8.82 18.32 -16.80
C GLN A 223 8.39 17.29 -15.76
N ALA A 224 9.35 16.53 -15.22
CA ALA A 224 9.03 15.54 -14.20
C ALA A 224 8.50 16.22 -12.93
N ALA A 225 9.13 17.33 -12.53
CA ALA A 225 8.70 18.09 -11.37
C ALA A 225 7.30 18.65 -11.58
N PHE A 226 7.04 19.14 -12.78
CA PHE A 226 5.72 19.69 -13.11
C PHE A 226 4.64 18.62 -12.95
N THR A 227 4.91 17.44 -13.50
CA THR A 227 3.94 16.36 -13.46
C THR A 227 3.76 15.81 -12.04
N PHE A 228 4.83 15.79 -11.25
CA PHE A 228 4.72 15.36 -9.86
C PHE A 228 3.73 16.21 -9.07
N LYS A 229 3.69 17.52 -9.36
CA LYS A 229 2.76 18.39 -8.67
C LYS A 229 1.32 17.94 -8.90
N GLU A 230 1.07 17.34 -10.07
CA GLU A 230 -0.27 16.91 -10.45
C GLU A 230 -0.61 15.49 -10.00
N LEU A 231 0.38 14.61 -9.98
CA LEU A 231 0.15 13.17 -9.75
C LEU A 231 0.65 12.64 -8.43
N GLY A 232 1.52 13.38 -7.76
CA GLY A 232 2.31 12.82 -6.68
C GLY A 232 1.84 13.09 -5.27
N HIS A 233 0.83 13.94 -5.10
CA HIS A 233 0.37 14.30 -3.76
CA HIS A 233 0.38 14.28 -3.76
C HIS A 233 -0.75 13.36 -3.32
N GLU A 234 -1.09 13.42 -2.03
CA GLU A 234 -1.96 12.42 -1.43
C GLU A 234 -3.39 12.44 -1.94
N GLN A 235 -3.94 13.62 -2.20
CA GLN A 235 -5.27 13.70 -2.80
C GLN A 235 -5.29 13.09 -4.20
N ALA A 236 -4.24 13.35 -4.98
CA ALA A 236 -4.13 12.72 -6.30
C ALA A 236 -4.04 11.21 -6.20
N GLY A 237 -3.33 10.72 -5.18
CA GLY A 237 -3.25 9.29 -4.94
C GLY A 237 -4.61 8.69 -4.65
N TYR A 238 -5.36 9.35 -3.79
CA TYR A 238 -6.71 8.92 -3.47
C TYR A 238 -7.54 8.76 -4.74
N PHE A 239 -7.50 9.79 -5.59
CA PHE A 239 -8.30 9.77 -6.81
C PHE A 239 -7.80 8.72 -7.81
N GLN A 240 -6.49 8.58 -7.93
CA GLN A 240 -5.93 7.62 -8.87
C GLN A 240 -6.26 6.16 -8.51
N ALA A 241 -6.47 5.89 -7.22
CA ALA A 241 -6.87 4.55 -6.78
C ALA A 241 -8.35 4.29 -7.03
N SER A 242 -9.17 5.33 -7.17
CA SER A 242 -10.62 5.16 -7.07
C SER A 242 -11.24 4.15 -8.07
N PRO A 243 -10.79 4.10 -9.34
CA PRO A 243 -11.44 3.11 -10.21
C PRO A 243 -11.18 1.66 -9.77
N TYR A 244 -10.05 1.39 -9.13
CA TYR A 244 -9.76 0.02 -8.70
C TYR A 244 -10.71 -0.39 -7.58
N PHE A 245 -11.02 0.54 -6.68
CA PHE A 245 -12.00 0.26 -5.63
C PHE A 245 -13.41 0.14 -6.18
N GLN A 246 -13.76 0.96 -7.16
CA GLN A 246 -15.07 0.82 -7.79
C GLN A 246 -15.24 -0.57 -8.38
N VAL A 247 -14.22 -1.03 -9.10
CA VAL A 247 -14.31 -2.30 -9.79
C VAL A 247 -14.33 -3.47 -8.81
N ILE A 248 -13.46 -3.46 -7.81
CA ILE A 248 -13.42 -4.62 -6.94
C ILE A 248 -14.72 -4.76 -6.12
N GLU A 249 -15.35 -3.63 -5.78
CA GLU A 249 -16.63 -3.68 -5.08
C GLU A 249 -17.70 -4.30 -5.98
N HIS A 250 -17.71 -3.90 -7.26
CA HIS A 250 -18.65 -4.47 -8.22
C HIS A 250 -18.44 -5.98 -8.36
N LEU A 251 -17.18 -6.41 -8.46
CA LEU A 251 -16.90 -7.83 -8.72
C LEU A 251 -17.10 -8.73 -7.52
N GLN A 252 -16.65 -8.27 -6.35
CA GLN A 252 -16.52 -9.17 -5.21
C GLN A 252 -17.03 -8.60 -3.89
N GLY A 253 -17.62 -7.40 -3.93
CA GLY A 253 -18.11 -6.77 -2.72
C GLY A 253 -19.05 -7.62 -1.88
N GLU A 254 -19.97 -8.33 -2.52
CA GLU A 254 -20.89 -9.17 -1.77
CA GLU A 254 -20.90 -9.17 -1.78
C GLU A 254 -20.15 -10.22 -0.95
N GLU A 255 -19.05 -10.73 -1.51
CA GLU A 255 -18.22 -11.73 -0.82
C GLU A 255 -17.42 -11.11 0.31
N TYR A 256 -16.72 -10.01 0.03
CA TYR A 256 -15.70 -9.59 0.97
C TYR A 256 -16.26 -8.74 2.11
N ARG A 257 -17.50 -8.29 1.98
CA ARG A 257 -18.14 -7.51 3.04
C ARG A 257 -18.56 -8.34 4.25
N LYS A 258 -18.44 -9.66 4.17
CA LYS A 258 -18.91 -10.54 5.24
C LYS A 258 -17.95 -10.67 6.42
#